data_6DPN
#
_entry.id   6DPN
#
_cell.length_a   81.501
_cell.length_b   37.581
_cell.length_c   61.951
_cell.angle_alpha   90.00
_cell.angle_beta   96.24
_cell.angle_gamma   90.00
#
_symmetry.space_group_name_H-M   'C 1 2 1'
#
loop_
_entity.id
_entity.type
_entity.pdbx_description
1 polymer 'Ribonuclease H'
2 polymer "5'-R(*AP*CP*AP*U)-3' portion of intact RNA (5'-R(*AP*CP*AP*UP*CP*G)-3')"
3 polymer "5'-R(P*CP*G)-3' portion of intact RNA (5'-R(*AP*CP*AP*UP*CP*G)-3')"
4 polymer "DNA (5'-D(*CP*GP*AP*TP*GP*T)-3')"
5 non-polymer 'MAGNESIUM ION'
6 non-polymer 'POTASSIUM ION'
7 non-polymer 'IODIDE ION'
8 non-polymer GLYCEROL
9 non-polymer 1,2-ETHANEDIOL
10 water water
#
loop_
_entity_poly.entity_id
_entity_poly.type
_entity_poly.pdbx_seq_one_letter_code
_entity_poly.pdbx_strand_id
1 'polypeptide(L)'
;GSHMAKEEIIWESLSVDVGSQGNPGIVEYKGVDTKTGEVLFEREPIPIGTNNMGEFLAIVHGLRYLKERNSRKPIYSDSQ
TAIKWVKDKKAKSTLVRNEETALIWKLVDEAEEWLNTHTYETPILKWQTDKWGAIKADYGRK
;
A
2 'polyribonucleotide' ACAU B
3 'polyribonucleotide' CG b
4 'polydeoxyribonucleotide' (DC)(DG)(DA)(DT)(DG)(DT) C
#
loop_
_chem_comp.id
_chem_comp.type
_chem_comp.name
_chem_comp.formula
A RNA linking ADENOSINE-5'-MONOPHOSPHATE 'C10 H14 N5 O7 P'
C RNA linking CYTIDINE-5'-MONOPHOSPHATE 'C9 H14 N3 O8 P'
DA DNA linking 2'-DEOXYADENOSINE-5'-MONOPHOSPHATE 'C10 H14 N5 O6 P'
DC DNA linking 2'-DEOXYCYTIDINE-5'-MONOPHOSPHATE 'C9 H14 N3 O7 P'
DG DNA linking 2'-DEOXYGUANOSINE-5'-MONOPHOSPHATE 'C10 H14 N5 O7 P'
DT DNA linking THYMIDINE-5'-MONOPHOSPHATE 'C10 H15 N2 O8 P'
EDO non-polymer 1,2-ETHANEDIOL 'C2 H6 O2'
G RNA linking GUANOSINE-5'-MONOPHOSPHATE 'C10 H14 N5 O8 P'
GOL non-polymer GLYCEROL 'C3 H8 O3'
IOD non-polymer 'IODIDE ION' 'I -1'
K non-polymer 'POTASSIUM ION' 'K 1'
MG non-polymer 'MAGNESIUM ION' 'Mg 2'
U RNA linking URIDINE-5'-MONOPHOSPHATE 'C9 H13 N2 O9 P'
#
# COMPACT_ATOMS: atom_id res chain seq x y z
N GLU A 7 16.48 -9.58 -9.28
CA GLU A 7 17.64 -9.23 -10.09
C GLU A 7 17.46 -7.87 -10.78
N GLU A 8 16.48 -7.78 -11.68
CA GLU A 8 16.25 -6.58 -12.45
C GLU A 8 14.96 -5.90 -12.02
N ILE A 9 15.02 -4.57 -11.88
CA ILE A 9 13.82 -3.80 -11.61
C ILE A 9 12.86 -3.92 -12.80
N ILE A 10 11.59 -4.15 -12.49
CA ILE A 10 10.53 -4.10 -13.49
C ILE A 10 10.06 -2.65 -13.51
N TRP A 11 10.57 -1.87 -14.47
CA TRP A 11 10.28 -0.44 -14.49
C TRP A 11 8.84 -0.15 -14.86
N GLU A 12 8.18 -1.03 -15.62
CA GLU A 12 6.77 -0.83 -15.98
C GLU A 12 5.92 -1.34 -14.82
N SER A 13 5.80 -0.51 -13.78
CA SER A 13 5.17 -0.93 -12.54
C SER A 13 4.69 0.30 -11.80
N LEU A 14 3.89 0.05 -10.76
CA LEU A 14 3.45 1.06 -9.80
C LEU A 14 4.14 0.79 -8.48
N SER A 15 4.70 1.82 -7.86
CA SER A 15 5.31 1.68 -6.54
C SER A 15 4.49 2.44 -5.49
N VAL A 16 4.33 1.83 -4.32
CA VAL A 16 3.58 2.47 -3.24
C VAL A 16 4.44 2.57 -1.97
N ASP A 17 4.08 3.55 -1.12
CA ASP A 17 4.71 3.66 0.18
C ASP A 17 3.82 4.45 1.13
N VAL A 18 4.07 4.23 2.43
CA VAL A 18 3.38 4.93 3.51
C VAL A 18 4.29 6.01 4.05
N GLY A 19 3.68 7.04 4.60
CA GLY A 19 4.38 8.04 5.37
C GLY A 19 3.60 8.28 6.64
N SER A 20 4.32 8.50 7.73
CA SER A 20 3.63 8.74 8.98
C SER A 20 4.31 9.84 9.81
N GLN A 21 3.52 10.39 10.72
CA GLN A 21 4.01 11.28 11.76
C GLN A 21 3.63 10.56 13.05
N GLY A 22 4.58 9.84 13.59
CA GLY A 22 4.28 8.92 14.67
C GLY A 22 3.91 7.54 14.14
N ASN A 23 4.18 6.55 14.97
CA ASN A 23 3.73 5.18 14.67
C ASN A 23 3.43 4.45 15.98
N PRO A 24 2.15 4.35 16.35
CA PRO A 24 1.01 4.84 15.57
C PRO A 24 0.96 6.37 15.51
N GLY A 25 0.38 6.90 14.45
CA GLY A 25 0.34 8.34 14.28
C GLY A 25 -0.41 8.67 13.01
N ILE A 26 -0.17 9.87 12.49
CA ILE A 26 -0.87 10.29 11.28
C ILE A 26 -0.29 9.52 10.10
N VAL A 27 -1.16 8.89 9.29
CA VAL A 27 -0.74 8.00 8.21
C VAL A 27 -1.25 8.53 6.89
N GLU A 28 -0.37 8.54 5.88
CA GLU A 28 -0.76 8.80 4.51
C GLU A 28 -0.04 7.79 3.62
N TYR A 29 -0.41 7.75 2.36
CA TYR A 29 0.29 6.87 1.43
C TYR A 29 0.13 7.41 0.02
N LYS A 30 0.94 6.91 -0.90
CA LYS A 30 0.85 7.35 -2.28
CA LYS A 30 0.82 7.34 -2.28
C LYS A 30 1.35 6.25 -3.19
N GLY A 31 0.98 6.36 -4.46
CA GLY A 31 1.47 5.46 -5.50
C GLY A 31 2.05 6.28 -6.62
N VAL A 32 3.16 5.79 -7.17
CA VAL A 32 3.88 6.50 -8.22
C VAL A 32 4.24 5.56 -9.36
N ASP A 33 4.45 6.15 -10.53
CA ASP A 33 5.01 5.41 -11.65
C ASP A 33 6.48 5.15 -11.33
N THR A 34 6.85 3.86 -11.26
CA THR A 34 8.22 3.51 -10.85
C THR A 34 9.27 4.16 -11.75
N LYS A 35 8.98 4.28 -13.04
CA LYS A 35 9.97 4.73 -14.01
C LYS A 35 10.18 6.23 -13.90
N THR A 36 9.10 6.98 -13.77
CA THR A 36 9.12 8.43 -13.88
C THR A 36 8.91 9.15 -12.56
N GLY A 37 8.38 8.48 -11.55
CA GLY A 37 8.08 9.13 -10.30
C GLY A 37 6.77 9.89 -10.28
N GLU A 38 6.06 9.98 -11.41
CA GLU A 38 4.77 10.65 -11.42
C GLU A 38 3.89 10.10 -10.31
N VAL A 39 3.34 11.00 -9.51
CA VAL A 39 2.42 10.60 -8.45
C VAL A 39 1.05 10.34 -9.07
N LEU A 40 0.55 9.13 -8.89
CA LEU A 40 -0.70 8.69 -9.50
C LEU A 40 -1.87 8.72 -8.53
N PHE A 41 -1.63 8.55 -7.24
CA PHE A 41 -2.64 8.73 -6.22
C PHE A 41 -1.97 9.03 -4.88
N GLU A 42 -2.72 9.73 -4.02
CA GLU A 42 -2.25 10.13 -2.70
C GLU A 42 -3.46 10.13 -1.79
N ARG A 43 -3.37 9.41 -0.68
CA ARG A 43 -4.45 9.34 0.29
C ARG A 43 -4.37 10.49 1.30
N GLU A 44 -5.49 11.14 1.52
CA GLU A 44 -5.61 12.17 2.54
C GLU A 44 -5.13 11.64 3.88
N PRO A 45 -4.34 12.39 4.64
CA PRO A 45 -3.83 11.85 5.91
C PRO A 45 -4.95 11.36 6.83
N ILE A 46 -4.67 10.23 7.46
CA ILE A 46 -5.57 9.58 8.40
C ILE A 46 -5.04 9.86 9.81
N PRO A 47 -5.83 10.42 10.72
CA PRO A 47 -5.28 10.93 11.98
C PRO A 47 -4.50 9.93 12.82
N ILE A 48 -4.93 8.69 12.94
CA ILE A 48 -4.21 7.67 13.72
C ILE A 48 -4.25 6.35 12.97
N GLY A 49 -3.08 5.77 12.76
CA GLY A 49 -2.94 4.47 12.13
C GLY A 49 -1.54 3.95 12.40
N THR A 50 -1.29 2.73 11.94
CA THR A 50 0.05 2.17 12.01
C THR A 50 0.71 2.20 10.64
N ASN A 51 2.04 2.11 10.67
CA ASN A 51 2.81 1.99 9.44
C ASN A 51 2.29 0.84 8.58
N ASN A 52 2.02 -0.31 9.19
CA ASN A 52 1.67 -1.48 8.39
C ASN A 52 0.25 -1.38 7.85
N MET A 53 -0.66 -0.77 8.60
CA MET A 53 -1.99 -0.52 8.04
CA MET A 53 -1.99 -0.49 8.06
C MET A 53 -1.88 0.39 6.83
N GLY A 54 -1.04 1.41 6.88
CA GLY A 54 -0.87 2.28 5.74
C GLY A 54 -0.26 1.58 4.56
N GLU A 55 0.78 0.76 4.81
CA GLU A 55 1.42 0.02 3.73
C GLU A 55 0.40 -0.91 3.05
N PHE A 56 -0.45 -1.56 3.86
CA PHE A 56 -1.49 -2.46 3.35
C PHE A 56 -2.54 -1.71 2.54
N LEU A 57 -3.02 -0.57 3.06
CA LEU A 57 -4.02 0.20 2.33
C LEU A 57 -3.45 0.69 1.01
N ALA A 58 -2.17 1.04 0.99
CA ALA A 58 -1.52 1.52 -0.23
C ALA A 58 -1.51 0.45 -1.30
N ILE A 59 -1.16 -0.79 -0.94
CA ILE A 59 -1.16 -1.89 -1.93
C ILE A 59 -2.57 -2.12 -2.46
N VAL A 60 -3.55 -2.20 -1.55
CA VAL A 60 -4.92 -2.47 -1.98
C VAL A 60 -5.45 -1.35 -2.87
N HIS A 61 -5.17 -0.10 -2.50
CA HIS A 61 -5.55 0.99 -3.38
C HIS A 61 -4.87 0.84 -4.75
N GLY A 62 -3.59 0.48 -4.76
CA GLY A 62 -2.93 0.21 -6.03
C GLY A 62 -3.65 -0.86 -6.84
N LEU A 63 -4.07 -1.94 -6.18
CA LEU A 63 -4.81 -2.97 -6.91
C LEU A 63 -6.06 -2.40 -7.53
N ARG A 64 -6.80 -1.60 -6.77
CA ARG A 64 -8.06 -1.05 -7.26
C ARG A 64 -7.82 -0.06 -8.38
N TYR A 65 -6.76 0.74 -8.26
CA TYR A 65 -6.40 1.74 -9.26
C TYR A 65 -6.06 1.07 -10.59
N LEU A 66 -5.27 0.01 -10.53
CA LEU A 66 -4.84 -0.68 -11.75
C LEU A 66 -6.00 -1.45 -12.38
N LYS A 67 -6.83 -2.09 -11.56
CA LYS A 67 -7.97 -2.81 -12.09
C LYS A 67 -8.91 -1.87 -12.82
N GLU A 68 -9.16 -0.70 -12.24
CA GLU A 68 -10.12 0.23 -12.85
C GLU A 68 -9.61 0.70 -14.20
N ARG A 69 -8.30 0.74 -14.39
CA ARG A 69 -7.68 1.21 -15.60
C ARG A 69 -7.26 0.09 -16.52
N ASN A 70 -7.65 -1.14 -16.22
CA ASN A 70 -7.32 -2.27 -17.08
C ASN A 70 -5.82 -2.36 -17.32
N SER A 71 -5.05 -2.17 -16.27
CA SER A 71 -3.59 -2.23 -16.33
C SER A 71 -3.11 -3.50 -15.68
N ARG A 72 -2.18 -4.19 -16.34
CA ARG A 72 -1.59 -5.42 -15.85
C ARG A 72 -0.25 -5.18 -15.15
N LYS A 73 0.11 -3.93 -14.90
CA LYS A 73 1.39 -3.63 -14.25
C LYS A 73 1.45 -4.27 -12.87
N PRO A 74 2.64 -4.69 -12.44
CA PRO A 74 2.83 -5.13 -11.06
C PRO A 74 2.91 -3.94 -10.12
N ILE A 75 2.78 -4.24 -8.83
CA ILE A 75 2.93 -3.27 -7.76
C ILE A 75 4.18 -3.62 -6.97
N TYR A 76 5.03 -2.63 -6.70
CA TYR A 76 6.11 -2.80 -5.75
C TYR A 76 5.74 -2.20 -4.41
N SER A 77 6.09 -2.90 -3.33
CA SER A 77 6.01 -2.39 -1.96
C SER A 77 7.28 -2.83 -1.28
N ASP A 78 7.79 -2.05 -0.32
CA ASP A 78 8.96 -2.50 0.43
C ASP A 78 8.57 -3.21 1.73
N SER A 79 7.29 -3.43 1.95
CA SER A 79 6.77 -3.92 3.23
C SER A 79 6.51 -5.42 3.15
N GLN A 80 7.41 -6.18 3.75
CA GLN A 80 7.21 -7.62 3.92
C GLN A 80 5.85 -7.89 4.55
N THR A 81 5.49 -7.11 5.57
CA THR A 81 4.25 -7.33 6.29
C THR A 81 3.05 -7.11 5.39
N ALA A 82 3.00 -5.96 4.72
CA ALA A 82 1.80 -5.65 3.96
C ALA A 82 1.63 -6.59 2.79
N ILE A 83 2.73 -7.00 2.15
CA ILE A 83 2.62 -7.95 1.05
C ILE A 83 1.95 -9.22 1.53
N LYS A 84 2.33 -9.68 2.72
CA LYS A 84 1.72 -10.90 3.23
C LYS A 84 0.25 -10.67 3.59
N TRP A 85 -0.06 -9.54 4.22
CA TRP A 85 -1.45 -9.25 4.57
C TRP A 85 -2.34 -9.25 3.33
N VAL A 86 -1.85 -8.69 2.22
CA VAL A 86 -2.64 -8.71 0.99
C VAL A 86 -2.80 -10.12 0.46
N LYS A 87 -1.71 -10.88 0.42
CA LYS A 87 -1.79 -12.27 0.01
C LYS A 87 -2.82 -13.04 0.83
N ASP A 88 -2.82 -12.85 2.15
CA ASP A 88 -3.77 -13.50 3.05
C ASP A 88 -5.16 -12.88 3.02
N LYS A 89 -5.32 -11.72 2.37
CA LYS A 89 -6.57 -10.94 2.46
C LYS A 89 -6.95 -10.66 3.91
N LYS A 90 -5.95 -10.45 4.76
CA LYS A 90 -6.21 -10.22 6.19
C LYS A 90 -5.09 -9.39 6.79
N ALA A 91 -5.45 -8.20 7.31
CA ALA A 91 -4.47 -7.30 7.93
C ALA A 91 -4.44 -7.57 9.43
N LYS A 92 -3.37 -8.19 9.90
CA LYS A 92 -3.29 -8.65 11.28
C LYS A 92 -2.65 -7.57 12.16
N SER A 93 -3.32 -6.41 12.21
CA SER A 93 -2.80 -5.29 12.98
C SER A 93 -3.11 -5.46 14.47
N THR A 94 -2.20 -4.93 15.31
CA THR A 94 -2.36 -4.90 16.76
C THR A 94 -3.02 -3.62 17.27
N LEU A 95 -3.31 -2.66 16.39
CA LEU A 95 -3.81 -1.37 16.83
C LEU A 95 -5.14 -1.52 17.56
N VAL A 96 -5.23 -0.92 18.75
CA VAL A 96 -6.48 -0.91 19.51
C VAL A 96 -7.60 -0.33 18.66
N ARG A 97 -8.80 -0.88 18.84
CA ARG A 97 -10.00 -0.28 18.25
C ARG A 97 -10.65 0.65 19.25
N ASN A 98 -10.68 1.94 18.91
CA ASN A 98 -11.37 2.91 19.75
C ASN A 98 -11.86 4.04 18.86
N GLU A 99 -12.36 5.10 19.47
CA GLU A 99 -12.94 6.20 18.71
C GLU A 99 -11.89 6.88 17.83
N GLU A 100 -10.67 7.05 18.33
CA GLU A 100 -9.66 7.74 17.57
C GLU A 100 -9.06 6.89 16.46
N THR A 101 -9.19 5.57 16.53
CA THR A 101 -8.73 4.68 15.47
C THR A 101 -9.84 4.17 14.59
N ALA A 102 -11.08 4.63 14.82
CA ALA A 102 -12.23 4.13 14.08
C ALA A 102 -12.03 4.29 12.58
N LEU A 103 -11.46 5.42 12.15
CA LEU A 103 -11.40 5.71 10.72
C LEU A 103 -10.48 4.74 10.00
N ILE A 104 -9.28 4.51 10.55
CA ILE A 104 -8.35 3.64 9.83
C ILE A 104 -8.84 2.21 9.84
N TRP A 105 -9.43 1.78 10.95
CA TRP A 105 -9.95 0.42 11.02
C TRP A 105 -11.12 0.23 10.04
N LYS A 106 -11.92 1.27 9.82
CA LYS A 106 -12.97 1.20 8.79
C LYS A 106 -12.34 1.00 7.42
N LEU A 107 -11.26 1.74 7.14
CA LEU A 107 -10.63 1.62 5.84
C LEU A 107 -10.00 0.25 5.68
N VAL A 108 -9.37 -0.26 6.74
CA VAL A 108 -8.75 -1.57 6.68
C VAL A 108 -9.80 -2.64 6.47
N ASP A 109 -10.89 -2.58 7.25
CA ASP A 109 -11.99 -3.51 7.07
C ASP A 109 -12.51 -3.48 5.65
N GLU A 110 -12.67 -2.27 5.08
CA GLU A 110 -13.24 -2.17 3.73
C GLU A 110 -12.27 -2.65 2.66
N ALA A 111 -10.96 -2.52 2.92
CA ALA A 111 -9.98 -3.00 1.96
C ALA A 111 -9.98 -4.52 1.92
N GLU A 112 -10.00 -5.14 3.10
CA GLU A 112 -10.18 -6.59 3.16
C GLU A 112 -11.45 -7.03 2.45
N GLU A 113 -12.56 -6.30 2.68
CA GLU A 113 -13.81 -6.65 2.02
C GLU A 113 -13.67 -6.59 0.52
N TRP A 114 -12.99 -5.56 0.01
CA TRP A 114 -12.77 -5.46 -1.43
C TRP A 114 -11.96 -6.66 -1.93
N LEU A 115 -10.89 -7.01 -1.21
CA LEU A 115 -10.10 -8.17 -1.62
C LEU A 115 -10.94 -9.42 -1.68
N ASN A 116 -11.92 -9.55 -0.81
CA ASN A 116 -12.71 -10.76 -0.71
C ASN A 116 -13.87 -10.82 -1.71
N THR A 117 -14.06 -9.75 -2.48
CA THR A 117 -15.15 -9.65 -3.43
C THR A 117 -14.67 -9.36 -4.85
N HIS A 118 -13.35 -9.27 -5.08
CA HIS A 118 -12.82 -8.97 -6.39
C HIS A 118 -11.66 -9.88 -6.72
N THR A 119 -11.32 -9.95 -7.99
CA THR A 119 -10.19 -10.73 -8.47
C THR A 119 -9.18 -9.82 -9.13
N TYR A 120 -7.95 -10.30 -9.17
CA TYR A 120 -6.87 -9.57 -9.83
CA TYR A 120 -6.87 -9.57 -9.80
C TYR A 120 -5.72 -10.54 -10.08
N GLU A 121 -4.96 -10.26 -11.12
CA GLU A 121 -3.76 -11.01 -11.43
CA GLU A 121 -3.76 -11.01 -11.43
C GLU A 121 -2.49 -10.22 -11.12
N THR A 122 -2.64 -8.98 -10.64
CA THR A 122 -1.53 -8.07 -10.39
C THR A 122 -0.45 -8.74 -9.55
N PRO A 123 0.77 -8.90 -10.06
CA PRO A 123 1.87 -9.35 -9.20
C PRO A 123 2.21 -8.28 -8.17
N ILE A 124 2.37 -8.71 -6.92
CA ILE A 124 2.77 -7.82 -5.85
C ILE A 124 4.18 -8.21 -5.47
N LEU A 125 5.12 -7.32 -5.77
CA LEU A 125 6.54 -7.61 -5.74
C LEU A 125 7.24 -6.84 -4.62
N LYS A 126 8.23 -7.50 -4.04
CA LYS A 126 9.04 -6.88 -2.99
C LYS A 126 10.10 -5.99 -3.63
N TRP A 127 10.06 -4.71 -3.29
CA TRP A 127 11.11 -3.79 -3.71
C TRP A 127 12.37 -4.11 -2.91
N GLN A 128 13.49 -4.35 -3.60
CA GLN A 128 14.70 -4.84 -2.93
C GLN A 128 15.54 -3.62 -2.53
N THR A 129 15.16 -3.02 -1.42
CA THR A 129 15.77 -1.78 -0.96
C THR A 129 17.28 -1.92 -0.80
N ASP A 130 17.75 -3.07 -0.33
CA ASP A 130 19.18 -3.23 -0.09
C ASP A 130 19.97 -3.15 -1.38
N LYS A 131 19.39 -3.58 -2.49
CA LYS A 131 20.08 -3.55 -3.78
C LYS A 131 19.80 -2.29 -4.57
N TRP A 132 18.59 -1.72 -4.45
CA TRP A 132 18.11 -0.71 -5.37
C TRP A 132 17.93 0.67 -4.74
N GLY A 133 18.16 0.81 -3.45
CA GLY A 133 17.84 2.07 -2.78
C GLY A 133 16.36 2.18 -2.45
N ALA A 134 15.98 3.37 -1.98
CA ALA A 134 14.61 3.58 -1.51
C ALA A 134 13.60 3.42 -2.64
N ILE A 135 12.47 2.82 -2.32
CA ILE A 135 11.36 2.69 -3.24
C ILE A 135 10.98 4.07 -3.78
N LYS A 136 10.56 4.15 -5.05
CA LYS A 136 10.37 5.44 -5.72
C LYS A 136 9.21 6.25 -5.14
N ALA A 137 8.31 5.61 -4.41
CA ALA A 137 7.20 6.27 -3.74
C ALA A 137 7.55 6.74 -2.34
N ASP A 138 8.81 6.60 -1.91
CA ASP A 138 9.18 6.91 -0.55
C ASP A 138 8.87 8.36 -0.21
N TYR A 139 8.63 8.60 1.08
CA TYR A 139 8.36 9.96 1.55
C TYR A 139 9.62 10.73 1.96
N GLY A 140 10.77 10.07 2.06
CA GLY A 140 11.97 10.80 2.41
C GLY A 140 11.96 11.36 3.81
N ARG A 141 11.35 10.62 4.74
CA ARG A 141 11.25 11.01 6.13
C ARG A 141 12.25 10.21 6.96
MG MG E . 9.38 4.93 2.91
MG MG F . 7.64 1.54 3.10
K K G . 10.69 8.07 4.90
I IOD H . -7.95 3.77 1.91
I IOD I . 8.32 -10.26 0.86
I IOD J . 5.99 -9.17 -12.86
I IOD K . -15.35 -4.55 -10.39
C1 GOL L . 4.95 7.59 18.12
O1 GOL L . 3.82 6.83 18.50
C2 GOL L . 6.07 6.67 17.65
O2 GOL L . 6.89 7.36 16.73
C3 GOL L . 6.89 6.21 18.86
O3 GOL L . 8.21 5.91 18.48
C1 GOL M . -10.00 3.17 -1.30
O1 GOL M . -9.11 2.31 -1.97
C2 GOL M . -10.80 3.97 -2.33
O2 GOL M . -10.64 3.40 -3.62
C3 GOL M . -12.27 3.99 -1.95
O3 GOL M . -12.54 5.12 -1.15
C1 EDO N . -7.23 -12.90 -6.05
O1 EDO N . -7.78 -12.83 -7.38
C2 EDO N . -5.81 -13.47 -6.11
O2 EDO N . -5.32 -13.69 -4.78
C1 EDO O . 12.60 7.40 -17.25
O1 EDO O . 12.33 8.75 -16.87
C2 EDO O . 11.87 7.09 -18.55
O2 EDO O . 12.07 5.72 -18.90
C1 GOL P . -11.27 2.68 -6.51
O1 GOL P . -12.13 1.97 -7.37
C2 GOL P . -10.65 3.83 -7.29
O2 GOL P . -9.65 4.47 -6.53
C3 GOL P . -10.01 3.27 -8.56
O3 GOL P . -8.99 4.16 -8.94
C1 EDO Q . -1.81 2.59 -15.06
O1 EDO Q . -0.66 2.27 -15.86
C2 EDO Q . -2.85 3.23 -15.97
O2 EDO Q . -2.98 2.37 -17.10
K K R . 11.39 -5.82 16.29
C1 GOL S . 2.44 -5.20 17.59
O1 GOL S . 2.47 -3.98 18.32
C2 GOL S . 3.69 -5.34 16.73
O2 GOL S . 4.81 -4.85 17.44
C3 GOL S . 3.90 -6.79 16.35
O3 GOL S . 2.78 -7.30 15.64
#